data_5X8S
#
_entry.id   5X8S
#
_cell.length_a   116.950
_cell.length_b   116.950
_cell.length_c   77.960
_cell.angle_alpha   90.00
_cell.angle_beta   90.00
_cell.angle_gamma   120.00
#
_symmetry.space_group_name_H-M   'P 61'
#
loop_
_entity.id
_entity.type
_entity.pdbx_description
1 polymer 'Nuclear receptor ROR-gamma'
2 non-polymer 'Ursolic acid'
3 water water
#
_entity_poly.entity_id   1
_entity_poly.type   'polypeptide(L)'
_entity_poly.pdbx_seq_one_letter_code
;EAPYASLTEIEHLVQSVCKSYRETCQLRLEDLLRQRSNIFSREEVTGYQRKSMWEMWERCAHHLTEAIQYVVEFAKRLSG
FMELCQNDQIVLLKAGAMEVVLVRMCRAYNADNRTVFFEGKYGGMELFRALGCSELISSIFDFSHSLSALHFSEDEIALY
TALVLINAHRPGLQEKRKVEQLQYNLELAFHHHLCKTHRQSILAKLPPKGKLRSLCSQHVERLQIFQHLHPIVVQAAFPP
LYKELFSTETESPVGLSK
;
_entity_poly.pdbx_strand_id   A,B
#
loop_
_chem_comp.id
_chem_comp.type
_chem_comp.name
_chem_comp.formula
6Q5 non-polymer 'Ursolic acid' 'C30 H48 O3'
#
# COMPACT_ATOMS: atom_id res chain seq x y z
N PRO A 3 -23.56 3.47 -24.71
CA PRO A 3 -24.33 4.75 -24.66
C PRO A 3 -23.42 6.00 -24.89
N TYR A 4 -23.58 6.73 -26.01
CA TYR A 4 -22.70 7.93 -26.32
C TYR A 4 -23.05 9.12 -25.44
N ALA A 5 -22.08 9.50 -24.60
CA ALA A 5 -22.17 10.56 -23.61
C ALA A 5 -22.62 11.87 -24.20
N SER A 6 -23.66 12.48 -23.64
CA SER A 6 -24.13 13.84 -24.02
C SER A 6 -23.04 14.91 -23.74
N LEU A 7 -23.22 16.11 -24.32
CA LEU A 7 -22.42 17.31 -23.92
C LEU A 7 -22.46 17.51 -22.38
N THR A 8 -23.65 17.37 -21.79
CA THR A 8 -23.89 17.50 -20.33
C THR A 8 -23.08 16.45 -19.57
N GLU A 9 -23.05 15.21 -20.11
CA GLU A 9 -22.36 14.09 -19.48
C GLU A 9 -20.86 14.23 -19.48
N ILE A 10 -20.34 14.73 -20.58
CA ILE A 10 -18.93 14.98 -20.72
C ILE A 10 -18.49 16.18 -19.89
N GLU A 11 -19.30 17.24 -19.89
CA GLU A 11 -19.08 18.40 -19.04
C GLU A 11 -19.03 18.07 -17.53
N HIS A 12 -19.92 17.21 -17.12
CA HIS A 12 -20.04 16.73 -15.75
C HIS A 12 -18.75 15.87 -15.43
N LEU A 13 -18.28 15.04 -16.38
CA LEU A 13 -17.04 14.33 -16.27
C LEU A 13 -15.82 15.31 -16.10
N VAL A 14 -15.73 16.35 -16.92
CA VAL A 14 -14.72 17.37 -16.72
C VAL A 14 -14.74 17.92 -15.29
N GLN A 15 -15.92 18.34 -14.83
CA GLN A 15 -16.07 18.84 -13.46
C GLN A 15 -15.65 17.88 -12.36
N SER A 16 -16.11 16.63 -12.45
CA SER A 16 -15.86 15.67 -11.35
C SER A 16 -14.38 15.25 -11.33
N VAL A 17 -13.75 15.11 -12.51
CA VAL A 17 -12.27 14.88 -12.50
C VAL A 17 -11.50 16.04 -11.90
N CYS A 18 -11.86 17.26 -12.28
CA CYS A 18 -11.17 18.47 -11.73
C CYS A 18 -11.38 18.63 -10.25
N LYS A 19 -12.57 18.24 -9.80
CA LYS A 19 -12.93 18.30 -8.38
C LYS A 19 -12.11 17.34 -7.58
N SER A 20 -12.03 16.08 -8.03
CA SER A 20 -11.19 15.06 -7.37
C SER A 20 -9.70 15.50 -7.25
N TYR A 21 -9.16 16.06 -8.34
CA TYR A 21 -7.81 16.59 -8.39
C TYR A 21 -7.61 17.66 -7.36
N ARG A 22 -8.52 18.63 -7.38
CA ARG A 22 -8.45 19.78 -6.47
C ARG A 22 -8.46 19.31 -5.01
N GLU A 23 -9.23 18.29 -4.66
CA GLU A 23 -9.30 17.85 -3.27
C GLU A 23 -8.05 17.02 -2.89
N THR A 24 -7.18 16.62 -3.85
CA THR A 24 -6.09 15.67 -3.53
C THR A 24 -4.78 16.17 -4.09
N CYS A 25 -4.71 17.47 -4.43
CA CYS A 25 -3.51 17.99 -5.15
C CYS A 25 -2.27 18.09 -4.23
N GLN A 26 -2.45 17.78 -2.94
CA GLN A 26 -1.37 17.56 -1.97
C GLN A 26 -0.84 18.90 -1.44
N LEU A 27 -0.21 19.72 -2.29
CA LEU A 27 0.08 21.09 -1.95
C LEU A 27 -0.57 22.05 -2.94
N ARG A 28 -0.94 23.21 -2.43
CA ARG A 28 -1.55 24.25 -3.26
C ARG A 28 -0.48 24.91 -4.10
N LEU A 29 -0.84 25.24 -5.33
CA LEU A 29 0.04 25.88 -6.30
C LEU A 29 0.64 27.18 -5.81
N GLU A 30 -0.18 27.98 -5.15
CA GLU A 30 0.19 29.31 -4.60
C GLU A 30 1.32 29.18 -3.59
N ASP A 31 1.22 28.18 -2.71
CA ASP A 31 2.21 27.90 -1.67
C ASP A 31 3.54 27.51 -2.26
N LEU A 32 3.50 26.74 -3.34
CA LEU A 32 4.70 26.35 -4.07
C LEU A 32 5.37 27.56 -4.75
N LEU A 33 4.60 28.34 -5.49
CA LEU A 33 5.10 29.51 -6.20
C LEU A 33 5.65 30.59 -5.30
N ARG A 34 5.00 30.82 -4.16
CA ARG A 34 5.45 31.84 -3.24
C ARG A 34 6.85 31.56 -2.69
N GLN A 35 7.14 30.30 -2.43
CA GLN A 35 8.43 29.82 -1.89
C GLN A 35 9.60 29.86 -2.86
N ARG A 36 9.38 30.26 -4.09
CA ARG A 36 10.43 30.22 -5.09
C ARG A 36 11.67 31.04 -4.74
N SER A 37 11.51 32.14 -4.02
CA SER A 37 12.64 32.96 -3.61
C SER A 37 13.49 32.31 -2.47
N ASN A 38 12.93 31.32 -1.82
CA ASN A 38 13.57 30.58 -0.76
C ASN A 38 14.43 29.35 -1.26
N ILE A 39 15.73 29.57 -1.43
CA ILE A 39 16.66 28.65 -2.11
C ILE A 39 17.67 28.15 -1.16
N PHE A 40 17.98 26.85 -1.13
CA PHE A 40 19.07 26.35 -0.27
C PHE A 40 20.39 27.08 -0.52
N SER A 41 21.13 27.29 0.55
CA SER A 41 22.47 27.85 0.47
C SER A 41 23.46 26.77 0.02
N ARG A 42 24.67 27.18 -0.34
CA ARG A 42 25.68 26.20 -0.74
C ARG A 42 25.99 25.25 0.39
N GLU A 43 26.09 25.76 1.61
CA GLU A 43 26.35 24.92 2.76
C GLU A 43 25.24 23.88 2.99
N GLU A 44 24.00 24.31 2.85
CA GLU A 44 22.83 23.43 2.94
C GLU A 44 22.83 22.34 1.85
N VAL A 45 23.25 22.73 0.63
CA VAL A 45 23.43 21.81 -0.49
C VAL A 45 24.45 20.69 -0.13
N THR A 46 25.64 21.07 0.31
CA THR A 46 26.68 20.10 0.62
C THR A 46 26.27 19.24 1.89
N GLY A 47 25.44 19.80 2.77
CA GLY A 47 24.82 19.04 3.88
C GLY A 47 23.92 17.92 3.35
N TYR A 48 23.12 18.22 2.30
CA TYR A 48 22.43 17.14 1.53
C TYR A 48 23.33 16.11 0.87
N GLN A 49 24.37 16.60 0.19
CA GLN A 49 25.27 15.76 -0.59
C GLN A 49 26.11 14.83 0.26
N ARG A 50 26.31 15.15 1.54
CA ARG A 50 27.20 14.34 2.40
C ARG A 50 26.45 13.22 3.06
N LYS A 51 25.12 13.34 3.06
CA LYS A 51 24.23 12.30 3.64
C LYS A 51 24.50 10.95 3.01
N SER A 52 24.35 9.91 3.82
CA SER A 52 24.41 8.55 3.33
C SER A 52 23.34 8.34 2.26
N MET A 53 23.70 7.50 1.29
CA MET A 53 22.81 6.95 0.28
C MET A 53 21.49 6.38 0.88
N TRP A 54 21.62 5.69 2.02
CA TRP A 54 20.52 5.12 2.77
C TRP A 54 19.63 6.23 3.36
N GLU A 55 20.21 7.30 3.85
CA GLU A 55 19.39 8.41 4.36
C GLU A 55 18.58 9.13 3.24
N MET A 56 19.25 9.45 2.16
CA MET A 56 18.56 10.12 1.06
C MET A 56 17.51 9.20 0.35
N TRP A 57 17.83 7.91 0.18
CA TRP A 57 16.80 6.98 -0.30
C TRP A 57 15.63 6.84 0.63
N GLU A 58 15.88 6.85 1.95
CA GLU A 58 14.79 6.87 2.91
C GLU A 58 13.86 8.12 2.71
N ARG A 59 14.47 9.32 2.60
CA ARG A 59 13.72 10.57 2.42
C ARG A 59 12.92 10.57 1.12
N CYS A 60 13.58 10.14 0.04
CA CYS A 60 12.97 10.13 -1.26
C CYS A 60 11.85 9.08 -1.37
N ALA A 61 12.05 7.89 -0.79
CA ALA A 61 10.98 6.87 -0.66
C ALA A 61 9.80 7.46 0.16
N HIS A 62 10.12 8.15 1.25
CA HIS A 62 9.07 8.72 2.11
C HIS A 62 8.22 9.78 1.30
N HIS A 63 8.87 10.65 0.51
CA HIS A 63 8.10 11.66 -0.30
C HIS A 63 7.28 10.98 -1.40
N LEU A 64 7.87 9.95 -2.01
CA LEU A 64 7.20 9.20 -3.02
C LEU A 64 5.90 8.56 -2.47
N THR A 65 6.02 7.86 -1.33
CA THR A 65 4.91 7.22 -0.65
C THR A 65 3.74 8.13 -0.36
N GLU A 66 4.05 9.27 0.26
CA GLU A 66 3.08 10.23 0.66
C GLU A 66 2.42 10.85 -0.57
N ALA A 67 3.21 11.24 -1.60
CA ALA A 67 2.63 11.69 -2.89
C ALA A 67 1.73 10.69 -3.57
N ILE A 68 2.15 9.42 -3.58
CA ILE A 68 1.34 8.29 -4.08
C ILE A 68 0.02 8.13 -3.30
N GLN A 69 0.03 8.31 -2.00
CA GLN A 69 -1.23 8.28 -1.20
C GLN A 69 -2.27 9.30 -1.73
N TYR A 70 -1.83 10.51 -2.02
CA TYR A 70 -2.72 11.53 -2.61
C TYR A 70 -3.18 11.12 -3.98
N VAL A 71 -2.32 10.47 -4.78
CA VAL A 71 -2.71 9.98 -6.11
C VAL A 71 -3.72 8.87 -6.01
N VAL A 72 -3.54 7.95 -5.07
CA VAL A 72 -4.47 6.87 -4.80
C VAL A 72 -5.83 7.48 -4.40
N GLU A 73 -5.80 8.48 -3.55
CA GLU A 73 -7.02 9.18 -3.10
C GLU A 73 -7.69 9.92 -4.30
N PHE A 74 -6.87 10.44 -5.22
CA PHE A 74 -7.35 10.96 -6.53
C PHE A 74 -8.13 9.87 -7.31
N ALA A 75 -7.49 8.70 -7.43
CA ALA A 75 -8.15 7.56 -8.11
C ALA A 75 -9.48 7.19 -7.50
N LYS A 76 -9.52 7.16 -6.17
CA LYS A 76 -10.67 6.67 -5.41
C LYS A 76 -11.90 7.62 -5.59
N ARG A 77 -11.62 8.88 -5.96
CA ARG A 77 -12.61 9.84 -6.23
C ARG A 77 -13.03 9.85 -7.70
N LEU A 78 -12.48 9.01 -8.57
CA LEU A 78 -12.91 8.97 -9.97
C LEU A 78 -13.96 7.85 -9.95
N SER A 79 -15.26 8.18 -9.97
CA SER A 79 -16.32 7.12 -9.76
C SER A 79 -16.21 5.90 -10.72
N GLY A 80 -15.77 6.13 -11.99
CA GLY A 80 -15.33 5.02 -12.82
C GLY A 80 -14.37 3.99 -12.13
N PHE A 81 -13.40 4.49 -11.36
CA PHE A 81 -12.33 3.66 -10.81
C PHE A 81 -12.83 2.78 -9.69
N MET A 82 -13.76 3.28 -8.89
CA MET A 82 -14.33 2.45 -7.83
C MET A 82 -15.24 1.32 -8.37
N GLU A 83 -15.71 1.41 -9.62
CA GLU A 83 -16.48 0.27 -10.22
C GLU A 83 -15.56 -0.88 -10.69
N LEU A 84 -14.26 -0.61 -10.91
CA LEU A 84 -13.32 -1.65 -11.35
C LEU A 84 -13.12 -2.69 -10.28
N CYS A 85 -12.72 -3.87 -10.71
CA CYS A 85 -12.43 -5.00 -9.84
C CYS A 85 -11.11 -4.74 -9.09
N GLN A 86 -10.91 -5.47 -8.01
CA GLN A 86 -9.76 -5.25 -7.18
C GLN A 86 -8.44 -5.41 -7.90
N ASN A 87 -8.34 -6.44 -8.74
CA ASN A 87 -7.11 -6.72 -9.50
C ASN A 87 -6.75 -5.59 -10.46
N ASP A 88 -7.75 -5.07 -11.16
CA ASP A 88 -7.54 -3.97 -12.10
C ASP A 88 -7.13 -2.69 -11.38
N GLN A 89 -7.78 -2.39 -10.26
CA GLN A 89 -7.38 -1.23 -9.37
C GLN A 89 -5.88 -1.32 -9.02
N ILE A 90 -5.40 -2.49 -8.63
CA ILE A 90 -3.98 -2.63 -8.36
C ILE A 90 -3.06 -2.47 -9.56
N VAL A 91 -3.35 -3.15 -10.66
CA VAL A 91 -2.60 -3.01 -11.91
C VAL A 91 -2.54 -1.56 -12.30
N LEU A 92 -3.67 -0.84 -12.26
CA LEU A 92 -3.58 0.58 -12.71
C LEU A 92 -2.76 1.46 -11.79
N LEU A 93 -2.92 1.26 -10.47
CA LEU A 93 -2.11 2.07 -9.55
C LEU A 93 -0.62 1.71 -9.52
N LYS A 94 -0.32 0.40 -9.59
CA LYS A 94 1.09 -0.07 -9.62
C LYS A 94 1.82 0.53 -10.81
N ALA A 95 1.19 0.53 -11.95
CA ALA A 95 1.78 1.09 -13.16
C ALA A 95 1.68 2.66 -13.12
N GLY A 96 0.52 3.21 -12.66
CA GLY A 96 0.33 4.65 -12.96
C GLY A 96 0.47 5.67 -11.82
N ALA A 97 0.46 5.24 -10.53
CA ALA A 97 0.38 6.22 -9.41
C ALA A 97 1.66 7.02 -9.35
N MET A 98 2.79 6.37 -9.45
CA MET A 98 4.05 7.15 -9.46
C MET A 98 4.28 7.98 -10.75
N GLU A 99 3.75 7.50 -11.88
CA GLU A 99 3.75 8.31 -13.13
C GLU A 99 2.99 9.62 -12.90
N VAL A 100 1.83 9.55 -12.22
CA VAL A 100 1.10 10.81 -11.86
C VAL A 100 1.92 11.71 -10.94
N VAL A 101 2.60 11.11 -9.99
CA VAL A 101 3.51 11.87 -9.09
C VAL A 101 4.56 12.66 -9.90
N LEU A 102 5.19 11.98 -10.89
CA LEU A 102 6.20 12.64 -11.72
C LEU A 102 5.62 13.72 -12.60
N VAL A 103 4.35 13.63 -13.01
CA VAL A 103 3.72 14.80 -13.65
C VAL A 103 3.43 15.91 -12.65
N ARG A 104 2.87 15.57 -11.48
CA ARG A 104 2.48 16.58 -10.45
C ARG A 104 3.71 17.34 -9.98
N MET A 105 4.86 16.65 -9.95
CA MET A 105 6.13 17.27 -9.62
C MET A 105 6.42 18.63 -10.36
N CYS A 106 5.92 18.79 -11.59
CA CYS A 106 6.26 20.03 -12.35
C CYS A 106 5.78 21.25 -11.63
N ARG A 107 4.73 21.10 -10.79
CA ARG A 107 4.20 22.23 -10.00
C ARG A 107 5.19 22.71 -8.95
N ALA A 108 6.11 21.83 -8.54
CA ALA A 108 7.13 22.13 -7.53
C ALA A 108 8.48 22.44 -8.13
N TYR A 109 8.52 22.53 -9.45
CA TYR A 109 9.74 22.75 -10.25
C TYR A 109 9.82 24.21 -10.73
N ASN A 110 10.97 24.88 -10.56
CA ASN A 110 11.07 26.25 -11.04
C ASN A 110 12.00 26.23 -12.24
N ALA A 111 11.44 26.35 -13.46
CA ALA A 111 12.19 26.32 -14.71
C ALA A 111 13.17 27.50 -14.89
N ASP A 112 12.98 28.62 -14.16
CA ASP A 112 13.87 29.79 -14.24
C ASP A 112 15.27 29.44 -13.77
N ASN A 113 15.38 28.59 -12.75
CA ASN A 113 16.70 28.26 -12.24
C ASN A 113 16.90 26.75 -12.08
N ARG A 114 15.98 25.95 -12.66
CA ARG A 114 16.02 24.46 -12.59
C ARG A 114 16.16 23.94 -11.16
N THR A 115 15.33 24.47 -10.27
CA THR A 115 15.34 24.01 -8.90
C THR A 115 13.99 23.33 -8.63
N VAL A 116 13.96 22.46 -7.60
CA VAL A 116 12.72 21.81 -7.16
C VAL A 116 12.47 22.07 -5.66
N PHE A 117 11.21 22.16 -5.24
CA PHE A 117 10.94 22.43 -3.84
C PHE A 117 11.12 21.13 -3.09
N PHE A 118 12.13 21.11 -2.23
CA PHE A 118 12.39 19.92 -1.47
C PHE A 118 12.62 20.20 0.00
N GLU A 119 11.68 19.75 0.82
CA GLU A 119 11.81 19.84 2.28
C GLU A 119 12.01 21.34 2.72
N GLY A 120 11.14 22.23 2.23
CA GLY A 120 11.06 23.56 2.78
C GLY A 120 11.77 24.65 2.00
N LYS A 121 12.67 24.31 1.05
CA LYS A 121 13.36 25.27 0.16
C LYS A 121 13.55 24.67 -1.24
N TYR A 122 13.88 25.55 -2.21
CA TYR A 122 14.17 25.14 -3.57
C TYR A 122 15.65 24.74 -3.66
N GLY A 123 15.94 23.64 -4.37
CA GLY A 123 17.36 23.28 -4.70
C GLY A 123 17.48 22.64 -6.09
N GLY A 124 18.65 22.75 -6.70
CA GLY A 124 18.98 22.13 -8.03
C GLY A 124 19.15 20.62 -7.88
N MET A 125 19.35 19.92 -8.99
CA MET A 125 19.50 18.49 -9.04
C MET A 125 20.69 17.96 -8.23
N GLU A 126 21.70 18.80 -8.01
CA GLU A 126 22.90 18.44 -7.28
C GLU A 126 22.60 18.17 -5.75
N LEU A 127 21.46 18.65 -5.25
CA LEU A 127 20.96 18.33 -3.93
C LEU A 127 20.85 16.81 -3.73
N PHE A 128 20.55 16.11 -4.84
CA PHE A 128 20.30 14.67 -4.90
C PHE A 128 21.50 13.80 -5.22
N ARG A 129 22.72 14.30 -5.08
CA ARG A 129 23.93 13.52 -5.46
C ARG A 129 24.10 12.21 -4.69
N ALA A 130 23.77 12.21 -3.38
CA ALA A 130 23.94 11.00 -2.58
C ALA A 130 23.02 9.82 -3.01
N LEU A 131 21.99 10.08 -3.85
CA LEU A 131 21.14 9.04 -4.41
C LEU A 131 21.95 8.10 -5.31
N GLY A 132 23.08 8.59 -5.88
CA GLY A 132 24.04 7.83 -6.72
C GLY A 132 23.39 7.46 -8.06
N CYS A 133 22.49 8.31 -8.61
CA CYS A 133 21.89 7.98 -9.95
C CYS A 133 21.71 9.30 -10.68
N SER A 134 22.80 10.04 -10.82
CA SER A 134 22.83 11.42 -11.39
C SER A 134 22.21 11.52 -12.81
N GLU A 135 22.38 10.50 -13.65
CA GLU A 135 21.72 10.46 -14.95
C GLU A 135 20.21 10.42 -14.84
N LEU A 136 19.73 9.56 -13.97
CA LEU A 136 18.28 9.51 -13.72
C LEU A 136 17.74 10.86 -13.17
N ILE A 137 18.44 11.45 -12.23
CA ILE A 137 17.97 12.71 -11.63
C ILE A 137 17.98 13.84 -12.67
N SER A 138 19.08 13.93 -13.41
CA SER A 138 19.18 14.86 -14.56
C SER A 138 18.06 14.63 -15.53
N SER A 139 17.76 13.37 -15.79
CA SER A 139 16.68 13.01 -16.67
C SER A 139 15.32 13.49 -16.12
N ILE A 140 15.11 13.35 -14.82
CA ILE A 140 13.87 13.82 -14.22
C ILE A 140 13.71 15.35 -14.30
N PHE A 141 14.81 16.09 -14.10
CA PHE A 141 14.77 17.54 -14.21
C PHE A 141 14.42 18.01 -15.65
N ASP A 142 15.06 17.41 -16.66
CA ASP A 142 14.71 17.66 -18.06
C ASP A 142 13.26 17.39 -18.32
N PHE A 143 12.74 16.30 -17.74
CA PHE A 143 11.35 16.01 -17.95
C PHE A 143 10.38 17.06 -17.32
N SER A 144 10.60 17.41 -16.04
CA SER A 144 9.88 18.49 -15.38
C SER A 144 10.05 19.83 -16.11
N HIS A 145 11.28 20.10 -16.61
CA HIS A 145 11.52 21.31 -17.42
C HIS A 145 10.63 21.31 -18.69
N SER A 146 10.56 20.18 -19.36
CA SER A 146 9.74 20.08 -20.56
C SER A 146 8.24 20.27 -20.23
N LEU A 147 7.79 19.72 -19.11
CA LEU A 147 6.40 19.87 -18.68
C LEU A 147 6.05 21.32 -18.36
N SER A 148 6.99 22.01 -17.71
CA SER A 148 6.81 23.40 -17.32
C SER A 148 6.63 24.36 -18.51
N ALA A 149 7.26 24.04 -19.64
CA ALA A 149 7.14 24.80 -20.86
C ALA A 149 5.69 24.83 -21.30
N LEU A 150 4.95 23.77 -21.05
CA LEU A 150 3.53 23.73 -21.39
C LEU A 150 2.65 24.73 -20.61
N HIS A 151 3.13 25.24 -19.48
CA HIS A 151 2.35 26.15 -18.60
C HIS A 151 0.96 25.58 -18.23
N PHE A 152 0.94 24.32 -17.77
CA PHE A 152 -0.30 23.65 -17.37
C PHE A 152 -1.17 24.44 -16.36
N SER A 153 -2.49 24.47 -16.53
CA SER A 153 -3.38 24.90 -15.46
C SER A 153 -3.61 23.71 -14.55
N GLU A 154 -4.16 23.94 -13.36
CA GLU A 154 -4.49 22.82 -12.46
C GLU A 154 -5.48 21.86 -13.11
N ASP A 155 -6.49 22.37 -13.81
CA ASP A 155 -7.49 21.56 -14.47
C ASP A 155 -6.90 20.69 -15.58
N GLU A 156 -5.89 21.21 -16.31
CA GLU A 156 -5.18 20.40 -17.31
C GLU A 156 -4.40 19.25 -16.66
N ILE A 157 -3.71 19.51 -15.53
CA ILE A 157 -3.01 18.47 -14.78
C ILE A 157 -4.02 17.43 -14.34
N ALA A 158 -5.24 17.89 -13.88
CA ALA A 158 -6.31 16.97 -13.43
C ALA A 158 -6.69 16.00 -14.52
N LEU A 159 -6.99 16.55 -15.68
CA LEU A 159 -7.52 15.71 -16.76
C LEU A 159 -6.38 14.85 -17.36
N TYR A 160 -5.17 15.41 -17.50
CA TYR A 160 -4.04 14.64 -18.04
C TYR A 160 -3.67 13.41 -17.15
N THR A 161 -3.61 13.68 -15.85
CA THR A 161 -3.28 12.65 -14.89
C THR A 161 -4.32 11.58 -14.72
N ALA A 162 -5.61 11.91 -14.96
CA ALA A 162 -6.65 10.88 -14.94
C ALA A 162 -6.36 9.86 -16.05
N LEU A 163 -5.99 10.36 -17.24
CA LEU A 163 -5.60 9.47 -18.40
C LEU A 163 -4.27 8.78 -18.18
N VAL A 164 -3.29 9.38 -17.49
CA VAL A 164 -2.09 8.59 -17.05
C VAL A 164 -2.52 7.31 -16.28
N LEU A 165 -3.51 7.48 -15.41
CA LEU A 165 -4.00 6.39 -14.56
C LEU A 165 -4.88 5.46 -15.28
N ILE A 166 -5.91 5.99 -15.98
CA ILE A 166 -6.91 5.10 -16.60
C ILE A 166 -6.50 4.78 -18.03
N ASN A 167 -5.67 3.74 -18.14
CA ASN A 167 -4.96 3.36 -19.35
C ASN A 167 -5.25 1.88 -19.58
N ALA A 168 -6.02 1.64 -20.63
CA ALA A 168 -6.51 0.30 -20.90
C ALA A 168 -5.44 -0.65 -21.46
N HIS A 169 -4.23 -0.16 -21.72
CA HIS A 169 -3.20 -0.99 -22.30
C HIS A 169 -2.27 -1.58 -21.24
N ARG A 170 -2.45 -1.26 -19.95
CA ARG A 170 -1.59 -1.85 -18.87
C ARG A 170 -1.68 -3.35 -18.94
N PRO A 171 -0.54 -4.05 -19.11
CA PRO A 171 -0.63 -5.57 -19.09
C PRO A 171 -1.21 -6.13 -17.76
N GLY A 172 -2.08 -7.12 -17.82
CA GLY A 172 -2.48 -7.84 -16.62
C GLY A 172 -3.90 -7.45 -16.26
N LEU A 173 -4.50 -6.53 -17.03
CA LEU A 173 -5.88 -6.11 -16.74
C LEU A 173 -6.75 -7.27 -17.14
N GLN A 174 -7.70 -7.58 -16.26
CA GLN A 174 -8.73 -8.59 -16.43
C GLN A 174 -10.05 -8.03 -16.99
N GLU A 175 -10.33 -6.75 -16.81
CA GLU A 175 -11.57 -6.21 -17.37
C GLU A 175 -11.17 -5.07 -18.26
N LYS A 176 -10.50 -5.43 -19.34
CA LYS A 176 -9.97 -4.51 -20.31
C LYS A 176 -11.06 -3.68 -20.94
N ARG A 177 -12.17 -4.31 -21.19
CA ARG A 177 -13.29 -3.63 -21.80
C ARG A 177 -13.80 -2.49 -20.93
N LYS A 178 -13.91 -2.73 -19.65
CA LYS A 178 -14.36 -1.72 -18.70
C LYS A 178 -13.41 -0.55 -18.63
N VAL A 179 -12.11 -0.82 -18.65
CA VAL A 179 -11.08 0.24 -18.58
C VAL A 179 -11.11 1.08 -19.86
N GLU A 180 -11.30 0.40 -21.03
CA GLU A 180 -11.40 1.08 -22.36
C GLU A 180 -12.56 2.07 -22.41
N GLN A 181 -13.68 1.69 -21.85
CA GLN A 181 -14.87 2.56 -21.74
C GLN A 181 -14.58 3.79 -20.93
N LEU A 182 -13.92 3.60 -19.77
CA LEU A 182 -13.55 4.75 -18.89
C LEU A 182 -12.55 5.67 -19.53
N GLN A 183 -11.53 5.08 -20.19
CA GLN A 183 -10.44 5.80 -20.87
C GLN A 183 -11.04 6.71 -21.99
N TYR A 184 -11.97 6.16 -22.75
CA TYR A 184 -12.56 6.83 -23.92
C TYR A 184 -13.32 8.10 -23.45
N ASN A 185 -14.14 7.95 -22.43
CA ASN A 185 -14.83 9.15 -21.83
C ASN A 185 -13.92 10.18 -21.25
N LEU A 186 -12.86 9.74 -20.58
CA LEU A 186 -11.81 10.66 -20.06
C LEU A 186 -11.09 11.40 -21.16
N GLU A 187 -10.83 10.67 -22.24
CA GLU A 187 -10.30 11.32 -23.49
C GLU A 187 -11.20 12.39 -24.09
N LEU A 188 -12.50 12.10 -24.20
CA LEU A 188 -13.51 13.12 -24.61
C LEU A 188 -13.52 14.31 -23.70
N ALA A 189 -13.51 14.03 -22.38
CA ALA A 189 -13.52 15.08 -21.36
C ALA A 189 -12.27 15.96 -21.54
N PHE A 190 -11.08 15.35 -21.74
CA PHE A 190 -9.81 16.14 -21.83
C PHE A 190 -9.78 17.01 -23.09
N HIS A 191 -10.13 16.38 -24.20
CA HIS A 191 -10.19 17.04 -25.52
C HIS A 191 -11.25 18.15 -25.54
N HIS A 192 -12.44 17.88 -24.96
CA HIS A 192 -13.54 18.90 -24.86
C HIS A 192 -13.04 20.13 -24.08
N HIS A 193 -12.39 19.90 -22.95
CA HIS A 193 -11.90 20.99 -22.12
C HIS A 193 -10.82 21.80 -22.81
N LEU A 194 -9.89 21.12 -23.46
CA LEU A 194 -8.82 21.78 -24.19
C LEU A 194 -9.45 22.57 -25.36
N CYS A 195 -10.48 22.01 -26.01
CA CYS A 195 -11.16 22.72 -27.15
C CYS A 195 -11.80 24.01 -26.73
N LYS A 196 -12.61 23.92 -25.69
CA LYS A 196 -13.27 25.09 -25.09
C LYS A 196 -12.32 26.17 -24.58
N THR A 197 -11.14 25.82 -24.09
CA THR A 197 -10.23 26.84 -23.52
C THR A 197 -9.15 27.20 -24.51
N HIS A 198 -9.25 26.74 -25.76
CA HIS A 198 -8.32 27.06 -26.87
C HIS A 198 -6.92 26.59 -26.51
N ARG A 199 -6.88 25.43 -25.87
CA ARG A 199 -5.66 24.80 -25.40
C ARG A 199 -5.28 23.47 -26.05
N GLN A 200 -5.87 23.15 -27.19
CA GLN A 200 -5.59 21.89 -27.89
C GLN A 200 -4.15 21.71 -28.42
N SER A 201 -3.43 22.80 -28.60
CA SER A 201 -2.06 22.79 -29.05
C SER A 201 -1.18 21.98 -28.09
N ILE A 202 -1.52 21.94 -26.80
CA ILE A 202 -0.72 21.13 -25.87
C ILE A 202 -0.76 19.65 -26.17
N LEU A 203 -1.78 19.12 -26.89
CA LEU A 203 -1.85 17.68 -27.14
C LEU A 203 -0.59 17.09 -27.77
N ALA A 204 -0.11 17.70 -28.85
CA ALA A 204 1.09 17.21 -29.63
C ALA A 204 2.36 17.29 -28.79
N LYS A 205 2.37 18.23 -27.85
CA LYS A 205 3.50 18.42 -26.96
C LYS A 205 3.58 17.53 -25.70
N LEU A 206 2.62 16.63 -25.48
CA LEU A 206 2.58 15.83 -24.23
C LEU A 206 3.70 14.79 -24.33
N PRO A 207 4.30 14.38 -23.19
CA PRO A 207 5.40 13.40 -23.14
C PRO A 207 5.13 12.18 -23.96
N PRO A 208 6.19 11.68 -24.65
CA PRO A 208 6.02 10.56 -25.60
C PRO A 208 5.58 9.31 -24.85
N LYS A 209 4.88 8.42 -25.57
CA LYS A 209 4.51 7.10 -25.05
C LYS A 209 5.76 6.35 -24.49
N GLY A 210 5.68 5.92 -23.23
CA GLY A 210 6.78 5.17 -22.61
C GLY A 210 7.78 5.96 -21.80
N LYS A 211 7.78 7.27 -21.97
CA LYS A 211 8.76 8.12 -21.30
C LYS A 211 8.58 8.16 -19.76
N LEU A 212 7.35 8.50 -19.35
CA LEU A 212 6.87 8.36 -17.97
C LEU A 212 7.16 7.01 -17.38
N ARG A 213 6.79 5.97 -18.13
CA ARG A 213 6.99 4.60 -17.70
C ARG A 213 8.45 4.22 -17.43
N SER A 214 9.34 4.69 -18.29
CA SER A 214 10.73 4.39 -18.19
C SER A 214 11.31 5.11 -16.94
N LEU A 215 10.92 6.37 -16.74
CA LEU A 215 11.34 7.10 -15.56
C LEU A 215 10.86 6.50 -14.25
N CYS A 216 9.58 6.06 -14.20
CA CYS A 216 9.04 5.41 -13.00
C CYS A 216 9.67 4.05 -12.73
N SER A 217 9.85 3.27 -13.77
CA SER A 217 10.46 1.94 -13.67
C SER A 217 11.93 2.03 -13.19
N GLN A 218 12.64 3.04 -13.63
CA GLN A 218 13.99 3.31 -13.07
C GLN A 218 14.06 3.65 -11.57
N HIS A 219 13.10 4.48 -11.12
CA HIS A 219 12.98 4.82 -9.71
C HIS A 219 12.60 3.59 -8.87
N VAL A 220 11.67 2.77 -9.39
CA VAL A 220 11.13 1.56 -8.66
C VAL A 220 12.27 0.55 -8.44
N GLU A 221 13.08 0.41 -9.48
CA GLU A 221 14.28 -0.43 -9.48
C GLU A 221 15.32 0.03 -8.48
N ARG A 222 15.56 1.33 -8.43
CA ARG A 222 16.47 1.88 -7.43
C ARG A 222 15.92 1.68 -5.96
N LEU A 223 14.63 1.95 -5.78
CA LEU A 223 13.95 1.67 -4.49
C LEU A 223 14.10 0.22 -4.12
N GLN A 224 13.91 -0.66 -5.11
CA GLN A 224 14.07 -2.10 -4.86
C GLN A 224 15.50 -2.47 -4.47
N ILE A 225 16.53 -1.80 -5.03
CA ILE A 225 17.94 -2.00 -4.64
C ILE A 225 18.14 -1.61 -3.15
N PHE A 226 17.47 -0.53 -2.74
CA PHE A 226 17.48 -0.09 -1.38
C PHE A 226 16.38 -0.76 -0.50
N GLN A 227 15.93 -1.97 -0.87
CA GLN A 227 15.10 -2.85 0.00
C GLN A 227 13.74 -2.21 0.36
N HIS A 228 13.19 -1.48 -0.58
N HIS A 228 13.20 -1.45 -0.58
CA HIS A 228 11.87 -0.91 -0.42
CA HIS A 228 11.89 -0.87 -0.45
C HIS A 228 11.07 -1.58 -1.51
C HIS A 228 11.06 -1.58 -1.52
N LEU A 229 9.94 -2.17 -1.15
CA LEU A 229 9.08 -2.80 -2.14
C LEU A 229 8.42 -1.71 -2.98
N HIS A 230 7.76 -2.06 -4.06
CA HIS A 230 6.99 -1.10 -4.82
C HIS A 230 6.20 -0.12 -3.90
N PRO A 231 6.35 1.20 -4.11
CA PRO A 231 5.78 2.11 -3.13
C PRO A 231 4.22 2.22 -3.10
N ILE A 232 3.51 1.49 -3.98
CA ILE A 232 2.05 1.27 -3.82
C ILE A 232 1.68 0.35 -2.57
N VAL A 233 2.65 -0.47 -2.14
CA VAL A 233 2.51 -1.47 -1.09
C VAL A 233 2.71 -0.78 0.24
N VAL A 234 1.76 -0.88 1.18
CA VAL A 234 2.00 -0.30 2.53
C VAL A 234 3.24 -0.85 3.27
N GLN A 235 4.04 -0.01 3.87
CA GLN A 235 5.37 -0.45 4.40
C GLN A 235 5.70 0.41 5.63
N ALA A 236 6.73 0.09 6.42
CA ALA A 236 6.94 0.74 7.76
C ALA A 236 6.54 2.21 7.68
N ALA A 237 5.59 2.66 8.53
CA ALA A 237 5.18 4.11 8.72
C ALA A 237 6.21 5.05 9.35
N ALA B 5 17.74 -29.44 2.37
CA ALA B 5 18.85 -28.72 3.07
C ALA B 5 19.36 -29.45 4.35
N SER B 6 20.53 -29.07 4.84
CA SER B 6 21.17 -29.66 6.05
C SER B 6 20.46 -29.31 7.35
N LEU B 7 20.89 -29.90 8.45
CA LEU B 7 20.37 -29.57 9.75
C LEU B 7 20.74 -28.12 10.11
N THR B 8 21.97 -27.72 9.80
CA THR B 8 22.41 -26.38 10.12
C THR B 8 21.60 -25.32 9.37
N GLU B 9 21.35 -25.55 8.09
CA GLU B 9 20.50 -24.67 7.32
C GLU B 9 19.08 -24.52 7.83
N ILE B 10 18.47 -25.64 8.25
CA ILE B 10 17.10 -25.65 8.80
C ILE B 10 17.02 -24.90 10.14
N GLU B 11 17.99 -25.15 11.02
CA GLU B 11 18.20 -24.42 12.27
C GLU B 11 18.36 -22.90 12.05
N HIS B 12 19.18 -22.51 11.09
CA HIS B 12 19.37 -21.11 10.75
C HIS B 12 18.10 -20.47 10.20
N LEU B 13 17.30 -21.21 9.41
CA LEU B 13 15.98 -20.73 8.96
C LEU B 13 14.96 -20.51 10.12
N VAL B 14 14.89 -21.45 11.06
CA VAL B 14 14.11 -21.30 12.27
C VAL B 14 14.54 -19.99 12.95
N GLN B 15 15.87 -19.84 13.18
CA GLN B 15 16.34 -18.66 13.92
C GLN B 15 16.02 -17.35 13.21
N SER B 16 16.23 -17.32 11.89
CA SER B 16 16.00 -16.07 11.15
C SER B 16 14.47 -15.72 11.04
N VAL B 17 13.61 -16.71 10.80
CA VAL B 17 12.15 -16.44 10.84
C VAL B 17 11.69 -15.91 12.20
N CYS B 18 12.12 -16.53 13.29
CA CYS B 18 11.72 -16.03 14.64
C CYS B 18 12.27 -14.64 14.95
N LYS B 19 13.45 -14.33 14.45
CA LYS B 19 14.11 -13.03 14.69
C LYS B 19 13.29 -11.89 14.01
N SER B 20 13.00 -12.15 12.75
CA SER B 20 12.16 -11.30 11.93
C SER B 20 10.75 -11.07 12.54
N TYR B 21 10.11 -12.15 13.03
CA TYR B 21 8.87 -12.01 13.74
C TYR B 21 8.98 -11.14 15.01
N ARG B 22 9.99 -11.49 15.83
CA ARG B 22 10.25 -10.78 17.10
C ARG B 22 10.42 -9.28 16.86
N GLU B 23 11.10 -8.92 15.78
CA GLU B 23 11.33 -7.52 15.45
C GLU B 23 10.07 -6.85 14.86
N THR B 24 9.01 -7.57 14.54
CA THR B 24 7.91 -6.93 13.84
C THR B 24 6.57 -7.31 14.51
N CYS B 25 6.60 -7.76 15.77
CA CYS B 25 5.40 -8.41 16.35
C CYS B 25 4.31 -7.40 16.73
N GLN B 26 4.61 -6.10 16.55
CA GLN B 26 3.72 -4.95 16.71
C GLN B 26 3.45 -4.57 18.15
N LEU B 27 2.79 -5.43 18.93
CA LEU B 27 2.71 -5.23 20.40
C LEU B 27 3.33 -6.42 21.05
N ARG B 28 3.98 -6.20 22.18
CA ARG B 28 4.58 -7.26 22.96
C ARG B 28 3.47 -8.07 23.58
N LEU B 29 3.67 -9.36 23.70
CA LEU B 29 2.67 -10.23 24.27
C LEU B 29 2.37 -9.88 25.72
N GLU B 30 3.41 -9.54 26.49
CA GLU B 30 3.21 -9.20 27.90
C GLU B 30 2.32 -8.00 28.08
N ASP B 31 2.44 -7.00 27.22
CA ASP B 31 1.57 -5.84 27.32
C ASP B 31 0.11 -6.24 27.08
N LEU B 32 -0.14 -7.11 26.11
CA LEU B 32 -1.48 -7.60 25.80
C LEU B 32 -2.03 -8.39 27.01
N LEU B 33 -1.20 -9.29 27.54
CA LEU B 33 -1.57 -10.09 28.74
C LEU B 33 -1.85 -9.25 29.99
N ARG B 34 -1.02 -8.24 30.23
CA ARG B 34 -1.23 -7.40 31.40
C ARG B 34 -2.56 -6.69 31.37
N GLN B 35 -2.99 -6.25 30.19
CA GLN B 35 -4.25 -5.56 30.03
C GLN B 35 -5.57 -6.35 30.22
N ARG B 36 -5.46 -7.66 30.46
CA ARG B 36 -6.65 -8.54 30.45
C ARG B 36 -7.74 -8.17 31.45
N SER B 37 -7.31 -7.57 32.58
CA SER B 37 -8.26 -7.18 33.63
C SER B 37 -8.95 -5.86 33.30
N ASN B 38 -8.48 -5.18 32.27
CA ASN B 38 -9.00 -3.90 31.86
C ASN B 38 -10.12 -4.01 30.73
N ILE B 39 -11.38 -3.99 31.15
CA ILE B 39 -12.54 -4.43 30.32
C ILE B 39 -13.52 -3.27 30.15
N PHE B 40 -13.99 -3.01 28.92
CA PHE B 40 -14.93 -1.90 28.69
C PHE B 40 -16.19 -2.07 29.60
N SER B 41 -16.67 -0.99 30.21
CA SER B 41 -17.94 -0.98 30.96
C SER B 41 -19.09 -1.08 29.90
N ARG B 42 -20.32 -1.30 30.39
CA ARG B 42 -21.48 -1.41 29.53
C ARG B 42 -21.73 -0.12 28.76
N GLU B 43 -21.54 1.00 29.45
CA GLU B 43 -21.68 2.32 28.90
C GLU B 43 -20.70 2.54 27.71
N GLU B 44 -19.44 2.14 27.90
CA GLU B 44 -18.41 2.19 26.83
C GLU B 44 -18.74 1.26 25.67
N VAL B 45 -19.33 0.09 25.97
CA VAL B 45 -19.81 -0.80 24.91
C VAL B 45 -20.88 -0.11 24.05
N THR B 46 -21.87 0.51 24.70
CA THR B 46 -22.98 1.07 24.00
C THR B 46 -22.53 2.36 23.28
N GLY B 47 -21.49 3.04 23.80
CA GLY B 47 -20.78 4.14 23.11
C GLY B 47 -20.22 3.62 21.75
N TYR B 48 -19.53 2.49 21.76
CA TYR B 48 -19.08 1.82 20.49
C TYR B 48 -20.17 1.38 19.59
N GLN B 49 -21.23 0.83 20.15
CA GLN B 49 -22.33 0.32 19.38
C GLN B 49 -23.14 1.40 18.72
N ARG B 50 -23.10 2.62 19.23
CA ARG B 50 -23.93 3.68 18.70
C ARG B 50 -23.25 4.43 17.56
N LYS B 51 -21.93 4.25 17.41
CA LYS B 51 -21.13 4.85 16.31
C LYS B 51 -21.70 4.47 14.98
N SER B 52 -21.63 5.42 14.04
CA SER B 52 -21.93 5.17 12.63
C SER B 52 -21.13 3.99 12.08
N MET B 53 -21.76 3.19 11.21
CA MET B 53 -21.06 2.18 10.42
C MET B 53 -19.81 2.72 9.72
N TRP B 54 -19.87 3.97 9.22
CA TRP B 54 -18.75 4.63 8.57
C TRP B 54 -17.59 4.85 9.56
N GLU B 55 -17.90 5.20 10.80
CA GLU B 55 -16.87 5.47 11.78
C GLU B 55 -16.21 4.16 12.22
N MET B 56 -17.00 3.14 12.51
CA MET B 56 -16.41 1.86 12.89
C MET B 56 -15.58 1.25 11.76
N TRP B 57 -16.05 1.32 10.53
CA TRP B 57 -15.26 0.80 9.43
C TRP B 57 -13.97 1.59 9.27
N GLU B 58 -14.04 2.90 9.46
CA GLU B 58 -12.84 3.71 9.41
C GLU B 58 -11.85 3.21 10.46
N ARG B 59 -12.32 2.96 11.69
CA ARG B 59 -11.41 2.50 12.78
C ARG B 59 -10.81 1.16 12.45
N CYS B 60 -11.65 0.27 11.97
CA CYS B 60 -11.23 -1.10 11.72
C CYS B 60 -10.27 -1.17 10.50
N ALA B 61 -10.50 -0.34 9.48
CA ALA B 61 -9.55 -0.22 8.37
C ALA B 61 -8.21 0.27 8.79
N HIS B 62 -8.22 1.25 9.68
CA HIS B 62 -7.01 1.88 10.14
C HIS B 62 -6.19 0.82 10.97
N HIS B 63 -6.83 0.06 11.88
CA HIS B 63 -6.13 -1.04 12.62
C HIS B 63 -5.63 -2.12 11.66
N LEU B 64 -6.46 -2.49 10.67
CA LEU B 64 -6.02 -3.47 9.69
C LEU B 64 -4.76 -3.00 8.94
N THR B 65 -4.76 -1.74 8.48
CA THR B 65 -3.66 -1.16 7.74
C THR B 65 -2.32 -1.19 8.49
N GLU B 66 -2.38 -0.70 9.75
CA GLU B 66 -1.25 -0.61 10.60
C GLU B 66 -0.74 -2.02 10.93
N ALA B 67 -1.64 -2.97 11.20
CA ALA B 67 -1.20 -4.35 11.49
C ALA B 67 -0.53 -4.98 10.23
N ILE B 68 -1.11 -4.73 9.05
CA ILE B 68 -0.56 -5.18 7.75
C ILE B 68 0.84 -4.58 7.50
N GLN B 69 1.06 -3.31 7.83
CA GLN B 69 2.42 -2.69 7.71
C GLN B 69 3.51 -3.50 8.50
N TYR B 70 3.15 -3.95 9.68
CA TYR B 70 4.07 -4.78 10.47
C TYR B 70 4.31 -6.16 9.80
N VAL B 71 3.23 -6.74 9.21
CA VAL B 71 3.34 -7.96 8.44
C VAL B 71 4.20 -7.84 7.15
N VAL B 72 4.09 -6.72 6.45
CA VAL B 72 4.91 -6.47 5.25
C VAL B 72 6.39 -6.32 5.70
N GLU B 73 6.61 -5.65 6.83
CA GLU B 73 7.96 -5.53 7.37
C GLU B 73 8.53 -6.91 7.83
N PHE B 74 7.67 -7.78 8.36
CA PHE B 74 7.97 -9.24 8.61
C PHE B 74 8.40 -9.87 7.32
N ALA B 75 7.58 -9.76 6.24
CA ALA B 75 7.95 -10.39 4.96
C ALA B 75 9.32 -9.88 4.44
N LYS B 76 9.55 -8.57 4.56
CA LYS B 76 10.78 -7.93 4.14
C LYS B 76 12.05 -8.41 4.90
N ARG B 77 11.93 -8.95 6.11
CA ARG B 77 13.05 -9.56 6.83
C ARG B 77 13.18 -11.05 6.58
N LEU B 78 12.44 -11.61 5.65
CA LEU B 78 12.61 -13.03 5.38
C LEU B 78 13.40 -13.02 4.12
N SER B 79 14.69 -13.33 4.20
CA SER B 79 15.59 -13.18 3.02
C SER B 79 15.07 -13.95 1.76
N GLY B 80 14.40 -15.12 1.96
CA GLY B 80 13.68 -15.79 0.87
C GLY B 80 12.71 -14.85 0.10
N PHE B 81 11.95 -14.03 0.85
CA PHE B 81 10.94 -13.12 0.22
C PHE B 81 11.56 -12.01 -0.61
N MET B 82 12.64 -11.44 -0.10
CA MET B 82 13.33 -10.33 -0.86
C MET B 82 13.99 -10.77 -2.20
N GLU B 83 14.27 -12.06 -2.32
CA GLU B 83 14.70 -12.67 -3.59
C GLU B 83 13.62 -12.74 -4.67
N LEU B 84 12.33 -12.76 -4.32
CA LEU B 84 11.26 -12.89 -5.34
C LEU B 84 11.09 -11.64 -6.16
N CYS B 85 10.57 -11.77 -7.35
CA CYS B 85 10.32 -10.60 -8.21
C CYS B 85 9.14 -9.82 -7.58
N GLN B 86 9.02 -8.58 -8.03
CA GLN B 86 8.08 -7.67 -7.51
C GLN B 86 6.60 -8.10 -7.57
N ASN B 87 6.21 -8.75 -8.67
CA ASN B 87 4.81 -9.18 -8.87
C ASN B 87 4.45 -10.29 -7.91
N ASP B 88 5.39 -11.20 -7.68
CA ASP B 88 5.22 -12.30 -6.80
C ASP B 88 5.19 -11.82 -5.35
N GLN B 89 5.99 -10.78 -5.01
CA GLN B 89 5.93 -10.14 -3.67
C GLN B 89 4.53 -9.56 -3.40
N ILE B 90 3.98 -8.86 -4.40
CA ILE B 90 2.63 -8.29 -4.33
C ILE B 90 1.55 -9.36 -4.23
N VAL B 91 1.58 -10.36 -5.12
CA VAL B 91 0.74 -11.52 -4.98
C VAL B 91 0.76 -12.14 -3.56
N LEU B 92 1.93 -12.43 -3.01
CA LEU B 92 1.94 -13.02 -1.67
C LEU B 92 1.41 -12.12 -0.59
N LEU B 93 1.74 -10.83 -0.64
CA LEU B 93 1.25 -9.91 0.34
C LEU B 93 -0.25 -9.67 0.21
N LYS B 94 -0.74 -9.55 -1.01
CA LYS B 94 -2.14 -9.23 -1.23
C LYS B 94 -3.05 -10.32 -0.68
N ALA B 95 -2.68 -11.57 -0.92
CA ALA B 95 -3.41 -12.73 -0.41
C ALA B 95 -3.08 -12.97 1.08
N GLY B 96 -1.81 -12.81 1.49
CA GLY B 96 -1.42 -13.41 2.81
C GLY B 96 -1.24 -12.40 3.97
N ALA B 97 -1.07 -11.06 3.73
CA ALA B 97 -0.69 -10.12 4.83
C ALA B 97 -1.81 -10.05 5.84
N MET B 98 -3.03 -9.99 5.33
CA MET B 98 -4.20 -9.92 6.17
C MET B 98 -4.51 -11.25 6.89
N GLU B 99 -4.23 -12.38 6.25
CA GLU B 99 -4.31 -13.69 6.92
C GLU B 99 -3.38 -13.80 8.13
N VAL B 100 -2.16 -13.28 7.99
CA VAL B 100 -1.24 -13.21 9.07
C VAL B 100 -1.74 -12.33 10.22
N VAL B 101 -2.32 -11.16 9.89
CA VAL B 101 -2.96 -10.29 10.89
C VAL B 101 -4.01 -11.04 11.70
N LEU B 102 -4.82 -11.86 11.01
CA LEU B 102 -5.88 -12.58 11.70
C LEU B 102 -5.34 -13.72 12.57
N VAL B 103 -4.17 -14.32 12.25
CA VAL B 103 -3.50 -15.24 13.21
C VAL B 103 -2.93 -14.46 14.39
N ARG B 104 -2.17 -13.37 14.12
CA ARG B 104 -1.55 -12.54 15.18
C ARG B 104 -2.60 -12.05 16.17
N MET B 105 -3.82 -11.83 15.67
CA MET B 105 -4.99 -11.46 16.45
C MET B 105 -5.19 -12.29 17.71
N CYS B 106 -4.88 -13.56 17.62
CA CYS B 106 -5.15 -14.44 18.73
C CYS B 106 -4.33 -14.06 19.98
N ARG B 107 -3.18 -13.36 19.79
CA ARG B 107 -2.41 -12.77 20.91
C ARG B 107 -3.15 -11.70 21.72
N ALA B 108 -4.06 -10.98 21.08
CA ALA B 108 -4.83 -9.95 21.72
C ALA B 108 -6.21 -10.45 22.15
N TYR B 109 -6.48 -11.76 21.98
CA TYR B 109 -7.79 -12.37 22.28
C TYR B 109 -7.74 -13.07 23.66
N ASN B 110 -8.72 -12.79 24.55
CA ASN B 110 -8.79 -13.48 25.83
C ASN B 110 -9.91 -14.58 25.79
N ALA B 111 -9.49 -15.85 25.74
CA ALA B 111 -10.36 -17.02 25.70
C ALA B 111 -11.19 -17.23 26.95
N ASP B 112 -10.75 -16.72 28.11
CA ASP B 112 -11.53 -16.83 29.36
C ASP B 112 -12.84 -16.09 29.30
N ASN B 113 -12.85 -14.89 28.73
CA ASN B 113 -14.07 -14.13 28.64
C ASN B 113 -14.49 -13.74 27.22
N ARG B 114 -13.92 -14.31 26.28
CA ARG B 114 -14.25 -14.04 24.87
C ARG B 114 -14.21 -12.55 24.47
N THR B 115 -13.07 -11.94 24.82
CA THR B 115 -12.89 -10.53 24.51
C THR B 115 -11.57 -10.30 23.77
N VAL B 116 -11.50 -9.21 23.03
CA VAL B 116 -10.28 -8.82 22.31
C VAL B 116 -9.84 -7.42 22.77
N PHE B 117 -8.52 -7.16 22.75
CA PHE B 117 -7.96 -5.87 23.08
C PHE B 117 -8.21 -4.90 21.93
N PHE B 118 -9.04 -3.88 22.15
CA PHE B 118 -9.40 -2.99 21.08
C PHE B 118 -9.37 -1.59 21.63
N GLU B 119 -8.36 -0.79 21.26
CA GLU B 119 -8.31 0.63 21.57
C GLU B 119 -8.26 0.87 23.11
N GLY B 120 -7.43 0.11 23.83
CA GLY B 120 -7.10 0.47 25.23
C GLY B 120 -7.75 -0.44 26.26
N LYS B 121 -8.78 -1.20 25.86
CA LYS B 121 -9.47 -2.15 26.80
C LYS B 121 -9.93 -3.37 26.00
N TYR B 122 -10.31 -4.42 26.73
CA TYR B 122 -10.86 -5.64 26.18
C TYR B 122 -12.32 -5.49 26.04
N GLY B 123 -12.88 -5.96 24.91
CA GLY B 123 -14.36 -6.02 24.74
C GLY B 123 -14.77 -7.27 23.96
N GLY B 124 -16.02 -7.71 24.15
CA GLY B 124 -16.61 -8.90 23.47
C GLY B 124 -17.02 -8.50 22.05
N MET B 125 -17.46 -9.42 21.27
CA MET B 125 -17.85 -9.22 19.89
C MET B 125 -18.97 -8.16 19.72
N GLU B 126 -19.80 -7.95 20.76
CA GLU B 126 -20.85 -6.91 20.71
C GLU B 126 -20.37 -5.45 20.57
N LEU B 127 -19.10 -5.22 20.84
CA LEU B 127 -18.42 -3.95 20.62
C LEU B 127 -18.48 -3.50 19.16
N PHE B 128 -18.44 -4.49 18.24
CA PHE B 128 -18.35 -4.31 16.81
C PHE B 128 -19.69 -4.35 16.08
N ARG B 129 -20.78 -4.18 16.79
CA ARG B 129 -22.12 -4.25 16.21
C ARG B 129 -22.35 -3.28 15.09
N ALA B 130 -21.79 -2.07 15.23
CA ALA B 130 -21.96 -1.05 14.20
C ALA B 130 -21.29 -1.43 12.84
N LEU B 131 -20.46 -2.49 12.82
CA LEU B 131 -19.86 -2.98 11.57
C LEU B 131 -20.95 -3.59 10.65
N GLY B 132 -22.06 -4.05 11.27
CA GLY B 132 -23.25 -4.55 10.53
C GLY B 132 -22.90 -5.94 9.92
N CYS B 133 -21.99 -6.72 10.51
CA CYS B 133 -21.74 -8.08 9.92
C CYS B 133 -21.49 -9.00 11.06
N SER B 134 -22.44 -9.09 11.95
CA SER B 134 -22.27 -9.86 13.19
C SER B 134 -21.86 -11.39 13.00
N GLU B 135 -22.30 -12.04 11.91
CA GLU B 135 -21.90 -13.44 11.62
C GLU B 135 -20.41 -13.51 11.33
N LEU B 136 -19.93 -12.65 10.45
CA LEU B 136 -18.49 -12.48 10.24
C LEU B 136 -17.70 -12.25 11.54
N ILE B 137 -18.19 -11.34 12.37
CA ILE B 137 -17.49 -10.97 13.63
C ILE B 137 -17.44 -12.20 14.59
N SER B 138 -18.59 -12.85 14.73
CA SER B 138 -18.70 -14.01 15.59
C SER B 138 -17.76 -15.12 15.09
N SER B 139 -17.70 -15.32 13.78
CA SER B 139 -16.80 -16.32 13.23
C SER B 139 -15.33 -15.96 13.50
N ILE B 140 -15.01 -14.67 13.46
CA ILE B 140 -13.65 -14.21 13.75
C ILE B 140 -13.29 -14.53 15.19
N PHE B 141 -14.22 -14.29 16.10
CA PHE B 141 -14.07 -14.62 17.49
C PHE B 141 -13.89 -16.16 17.67
N ASP B 142 -14.70 -16.99 16.99
CA ASP B 142 -14.51 -18.49 16.99
C ASP B 142 -13.14 -18.93 16.49
N PHE B 143 -12.70 -18.34 15.36
CA PHE B 143 -11.37 -18.63 14.83
C PHE B 143 -10.19 -18.33 15.83
N SER B 144 -10.19 -17.13 16.43
CA SER B 144 -9.20 -16.71 17.44
C SER B 144 -9.32 -17.65 18.66
N HIS B 145 -10.57 -17.94 19.08
CA HIS B 145 -10.84 -18.93 20.16
C HIS B 145 -10.19 -20.29 19.85
N SER B 146 -10.31 -20.77 18.60
CA SER B 146 -9.66 -22.06 18.26
C SER B 146 -8.11 -21.90 18.28
N LEU B 147 -7.58 -20.73 17.96
CA LEU B 147 -6.17 -20.54 18.04
C LEU B 147 -5.63 -20.49 19.49
N SER B 148 -6.36 -19.86 20.41
CA SER B 148 -6.02 -19.68 21.82
C SER B 148 -5.84 -21.04 22.49
N ALA B 149 -6.75 -21.97 22.14
CA ALA B 149 -6.70 -23.36 22.60
C ALA B 149 -5.37 -24.12 22.25
N LEU B 150 -4.63 -23.66 21.24
CA LEU B 150 -3.33 -24.27 20.95
C LEU B 150 -2.18 -23.82 21.83
N HIS B 151 -2.38 -22.71 22.57
CA HIS B 151 -1.37 -22.10 23.42
C HIS B 151 -0.06 -21.83 22.68
N PHE B 152 -0.12 -21.23 21.49
CA PHE B 152 1.09 -20.86 20.73
C PHE B 152 2.14 -20.08 21.53
N SER B 153 3.41 -20.43 21.35
CA SER B 153 4.51 -19.56 21.80
C SER B 153 4.73 -18.51 20.69
N GLU B 154 5.50 -17.47 21.00
CA GLU B 154 5.85 -16.47 19.99
C GLU B 154 6.53 -17.10 18.75
N ASP B 155 7.38 -18.08 18.99
CA ASP B 155 8.14 -18.73 17.92
C ASP B 155 7.30 -19.63 16.99
N GLU B 156 6.33 -20.34 17.53
CA GLU B 156 5.32 -21.03 16.76
C GLU B 156 4.48 -20.09 15.88
N ILE B 157 4.07 -18.95 16.43
CA ILE B 157 3.43 -17.92 15.59
C ILE B 157 4.30 -17.46 14.43
N ALA B 158 5.60 -17.19 14.70
CA ALA B 158 6.56 -16.79 13.66
C ALA B 158 6.61 -17.78 12.56
N LEU B 159 6.78 -19.04 12.96
CA LEU B 159 6.96 -20.11 11.98
C LEU B 159 5.68 -20.40 11.21
N TYR B 160 4.54 -20.42 11.93
CA TYR B 160 3.24 -20.66 11.28
C TYR B 160 2.85 -19.54 10.28
N THR B 161 3.03 -18.28 10.69
CA THR B 161 2.78 -17.14 9.82
C THR B 161 3.68 -17.04 8.65
N ALA B 162 4.93 -17.45 8.79
CA ALA B 162 5.84 -17.49 7.62
C ALA B 162 5.27 -18.41 6.51
N LEU B 163 4.71 -19.55 6.94
CA LEU B 163 4.01 -20.52 6.05
C LEU B 163 2.75 -19.98 5.45
N VAL B 164 1.96 -19.18 6.21
CA VAL B 164 0.75 -18.52 5.72
C VAL B 164 1.14 -17.63 4.55
N LEU B 165 2.24 -16.93 4.73
CA LEU B 165 2.62 -15.88 3.80
C LEU B 165 3.40 -16.49 2.58
N ILE B 166 4.35 -17.41 2.83
CA ILE B 166 5.21 -17.93 1.75
C ILE B 166 4.55 -19.22 1.23
N ASN B 167 3.63 -19.00 0.30
CA ASN B 167 2.56 -19.93 -0.02
C ASN B 167 2.47 -20.09 -1.51
N ALA B 168 2.90 -21.23 -1.99
CA ALA B 168 2.95 -21.47 -3.40
C ALA B 168 1.56 -21.74 -4.05
N HIS B 169 0.49 -21.90 -3.26
CA HIS B 169 -0.88 -22.03 -3.81
C HIS B 169 -1.50 -20.69 -4.25
N ARG B 170 -0.88 -19.53 -3.96
CA ARG B 170 -1.53 -18.27 -4.34
C ARG B 170 -1.66 -18.20 -5.86
N PRO B 171 -2.88 -17.87 -6.40
CA PRO B 171 -3.03 -17.72 -7.85
C PRO B 171 -2.24 -16.51 -8.32
N GLY B 172 -1.58 -16.63 -9.46
CA GLY B 172 -0.98 -15.50 -10.15
C GLY B 172 0.56 -15.49 -9.93
N LEU B 173 1.13 -16.52 -9.29
CA LEU B 173 2.60 -16.49 -9.07
C LEU B 173 3.39 -16.71 -10.37
N GLN B 174 4.45 -15.94 -10.57
CA GLN B 174 5.35 -16.13 -11.71
C GLN B 174 6.52 -17.05 -11.45
N GLU B 175 6.95 -17.22 -10.20
CA GLU B 175 8.09 -18.13 -9.95
C GLU B 175 7.67 -19.17 -8.96
N LYS B 176 6.68 -19.95 -9.40
CA LYS B 176 5.95 -20.92 -8.57
C LYS B 176 6.86 -21.95 -7.93
N ARG B 177 7.81 -22.48 -8.71
CA ARG B 177 8.68 -23.55 -8.22
C ARG B 177 9.60 -23.01 -7.11
N LYS B 178 10.10 -21.78 -7.30
CA LYS B 178 10.89 -21.08 -6.30
C LYS B 178 10.11 -20.84 -4.97
N VAL B 179 8.86 -20.35 -5.06
CA VAL B 179 7.96 -20.18 -3.90
C VAL B 179 7.72 -21.54 -3.24
N GLU B 180 7.56 -22.60 -4.07
CA GLU B 180 7.35 -23.98 -3.59
C GLU B 180 8.54 -24.46 -2.76
N GLN B 181 9.73 -24.17 -3.26
CA GLN B 181 10.97 -24.49 -2.56
C GLN B 181 11.13 -23.74 -1.21
N LEU B 182 10.90 -22.41 -1.22
CA LEU B 182 10.85 -21.64 0.02
C LEU B 182 9.84 -22.15 0.99
N GLN B 183 8.66 -22.47 0.52
CA GLN B 183 7.59 -23.01 1.36
C GLN B 183 8.00 -24.35 1.94
N TYR B 184 8.55 -25.20 1.10
CA TYR B 184 9.04 -26.54 1.52
C TYR B 184 10.03 -26.44 2.68
N ASN B 185 11.10 -25.62 2.50
CA ASN B 185 12.05 -25.30 3.57
C ASN B 185 11.43 -24.79 4.86
N LEU B 186 10.47 -23.85 4.75
CA LEU B 186 9.74 -23.31 5.91
C LEU B 186 8.93 -24.37 6.62
N GLU B 187 8.33 -25.29 5.87
CA GLU B 187 7.62 -26.46 6.51
C GLU B 187 8.59 -27.36 7.27
N LEU B 188 9.73 -27.65 6.65
CA LEU B 188 10.81 -28.38 7.34
C LEU B 188 11.21 -27.66 8.63
N ALA B 189 11.40 -26.34 8.54
CA ALA B 189 11.77 -25.53 9.73
C ALA B 189 10.75 -25.63 10.85
N PHE B 190 9.48 -25.47 10.49
CA PHE B 190 8.34 -25.54 11.42
C PHE B 190 8.30 -26.92 12.11
N HIS B 191 8.34 -27.95 11.27
CA HIS B 191 8.27 -29.36 11.73
C HIS B 191 9.42 -29.72 12.66
N HIS B 192 10.65 -29.33 12.27
CA HIS B 192 11.86 -29.55 13.07
C HIS B 192 11.75 -28.90 14.44
N HIS B 193 11.26 -27.66 14.45
CA HIS B 193 11.13 -26.88 15.69
C HIS B 193 10.09 -27.51 16.62
N LEU B 194 8.97 -27.94 16.06
CA LEU B 194 7.96 -28.60 16.84
C LEU B 194 8.42 -29.92 17.42
N CYS B 195 9.14 -30.73 16.62
CA CYS B 195 9.70 -32.04 17.13
C CYS B 195 10.66 -31.78 18.27
N LYS B 196 11.65 -30.91 18.05
CA LYS B 196 12.62 -30.47 19.08
C LYS B 196 11.92 -29.98 20.42
N THR B 197 10.72 -29.35 20.33
CA THR B 197 10.06 -28.79 21.54
C THR B 197 8.89 -29.62 21.98
N HIS B 198 8.74 -30.81 21.38
CA HIS B 198 7.72 -31.83 21.79
C HIS B 198 6.29 -31.29 21.58
N ARG B 199 6.12 -30.57 20.46
CA ARG B 199 4.91 -29.85 20.16
C ARG B 199 4.30 -30.26 18.80
N GLN B 200 4.73 -31.42 18.24
CA GLN B 200 4.19 -31.96 16.93
C GLN B 200 2.70 -32.07 16.92
N SER B 201 2.11 -32.28 18.09
CA SER B 201 0.67 -32.53 18.22
C SER B 201 -0.20 -31.37 17.71
N ILE B 202 0.34 -30.14 17.70
CA ILE B 202 -0.44 -29.00 17.22
C ILE B 202 -0.67 -29.08 15.70
N LEU B 203 0.18 -29.79 14.97
CA LEU B 203 0.11 -29.75 13.52
C LEU B 203 -1.27 -30.28 13.04
N ALA B 204 -1.68 -31.42 13.59
CA ALA B 204 -3.01 -31.95 13.35
C ALA B 204 -4.16 -31.06 13.89
N LYS B 205 -3.90 -30.08 14.76
CA LYS B 205 -4.96 -29.19 15.29
C LYS B 205 -5.03 -27.78 14.70
N LEU B 206 -4.20 -27.50 13.69
CA LEU B 206 -4.20 -26.18 13.04
C LEU B 206 -5.51 -26.04 12.26
N PRO B 207 -6.05 -24.82 12.11
CA PRO B 207 -7.33 -24.64 11.38
C PRO B 207 -7.19 -24.99 9.89
N PRO B 208 -8.31 -25.42 9.23
CA PRO B 208 -8.27 -25.83 7.78
C PRO B 208 -7.82 -24.64 6.99
N LYS B 209 -6.98 -24.84 5.99
CA LYS B 209 -6.32 -23.73 5.32
C LYS B 209 -7.23 -22.71 4.70
N GLY B 210 -8.32 -23.18 4.13
CA GLY B 210 -9.24 -22.25 3.51
C GLY B 210 -10.04 -21.39 4.47
N LYS B 211 -10.01 -21.70 5.78
CA LYS B 211 -10.84 -20.96 6.76
C LYS B 211 -10.38 -19.49 6.88
N LEU B 212 -9.07 -19.38 6.97
CA LEU B 212 -8.39 -18.14 7.10
C LEU B 212 -8.60 -17.28 5.84
N ARG B 213 -8.48 -17.90 4.65
CA ARG B 213 -8.69 -17.19 3.38
C ARG B 213 -10.11 -16.62 3.23
N SER B 214 -11.08 -17.42 3.64
CA SER B 214 -12.49 -17.07 3.62
C SER B 214 -12.80 -15.88 4.58
N LEU B 215 -12.27 -15.99 5.80
CA LEU B 215 -12.41 -14.85 6.76
C LEU B 215 -11.81 -13.55 6.27
N CYS B 216 -10.63 -13.64 5.62
N CYS B 216 -10.63 -13.69 5.65
CA CYS B 216 -9.99 -12.45 5.08
CA CYS B 216 -9.91 -12.59 5.08
C CYS B 216 -10.69 -11.85 3.90
C CYS B 216 -10.64 -11.91 3.93
N SER B 217 -11.12 -12.72 2.97
CA SER B 217 -11.76 -12.16 1.77
C SER B 217 -13.17 -11.55 2.08
N GLN B 218 -13.83 -12.05 3.11
CA GLN B 218 -15.05 -11.37 3.59
C GLN B 218 -14.78 -10.01 4.22
N HIS B 219 -13.67 -9.85 4.98
CA HIS B 219 -13.24 -8.50 5.42
C HIS B 219 -12.95 -7.54 4.28
N VAL B 220 -12.18 -8.02 3.31
CA VAL B 220 -11.73 -7.23 2.16
C VAL B 220 -12.97 -6.72 1.40
N GLU B 221 -13.91 -7.62 1.18
CA GLU B 221 -15.19 -7.31 0.55
C GLU B 221 -16.02 -6.25 1.29
N ARG B 222 -16.10 -6.33 2.61
CA ARG B 222 -16.76 -5.27 3.39
C ARG B 222 -16.03 -3.91 3.28
N LEU B 223 -14.68 -3.92 3.40
CA LEU B 223 -13.81 -2.73 3.17
C LEU B 223 -14.14 -2.12 1.83
N GLN B 224 -14.28 -2.95 0.79
CA GLN B 224 -14.62 -2.48 -0.56
C GLN B 224 -16.00 -1.81 -0.58
N ILE B 225 -17.00 -2.39 0.08
CA ILE B 225 -18.33 -1.74 0.23
C ILE B 225 -18.25 -0.33 0.89
N PHE B 226 -17.35 -0.24 1.87
CA PHE B 226 -17.11 0.99 2.55
C PHE B 226 -15.98 1.82 1.88
N GLN B 227 -15.71 1.55 0.57
CA GLN B 227 -14.89 2.45 -0.30
C GLN B 227 -13.41 2.48 0.16
N HIS B 228 -12.95 1.34 0.65
N HIS B 228 -12.96 1.37 0.74
CA HIS B 228 -11.58 1.23 1.03
CA HIS B 228 -11.56 1.26 1.14
C HIS B 228 -11.01 0.18 0.11
C HIS B 228 -11.02 0.22 0.14
N LEU B 229 -9.94 0.56 -0.57
CA LEU B 229 -9.29 -0.38 -1.51
C LEU B 229 -8.62 -1.44 -0.68
N HIS B 230 -8.24 -2.55 -1.33
CA HIS B 230 -7.41 -3.55 -0.65
C HIS B 230 -6.39 -2.89 0.32
N PRO B 231 -6.36 -3.35 1.61
CA PRO B 231 -5.53 -2.64 2.57
C PRO B 231 -4.00 -2.81 2.40
N ILE B 232 -3.55 -3.63 1.43
CA ILE B 232 -2.12 -3.64 1.00
C ILE B 232 -1.74 -2.34 0.23
N VAL B 233 -2.75 -1.60 -0.25
CA VAL B 233 -2.53 -0.44 -1.11
C VAL B 233 -2.45 0.80 -0.24
N VAL B 234 -1.40 1.61 -0.41
CA VAL B 234 -1.30 2.84 0.34
C VAL B 234 -2.50 3.75 0.06
N GLN B 235 -3.10 4.24 1.12
CA GLN B 235 -4.22 5.16 1.08
C GLN B 235 -4.06 6.18 2.24
N ALA B 236 -5.07 7.00 2.46
CA ALA B 236 -5.04 7.97 3.55
C ALA B 236 -6.45 8.40 3.89
O3 6Q5 C . 7.52 17.79 -1.00
C28 6Q5 C . 6.99 16.91 -1.71
O2 6Q5 C . 7.03 15.71 -1.48
C14 6Q5 C . 6.29 17.42 -3.03
C15 6Q5 C . 7.30 18.45 -3.59
C12 6Q5 C . 8.61 17.80 -4.17
C4 6Q5 C . 8.53 16.45 -4.96
C22 6Q5 C . 8.45 16.96 -6.46
C1 6Q5 C . 9.85 15.50 -4.72
C16 6Q5 C . 10.12 15.16 -3.21
C23 6Q5 C . 4.94 18.01 -2.52
C27 6Q5 C . 4.05 18.57 -3.64
C24 6Q5 C . 3.72 17.43 -4.67
C30 6Q5 C . 2.73 17.95 -5.78
C21 6Q5 C . 4.99 16.77 -5.23
C29 6Q5 C . 4.62 15.70 -6.27
C10 6Q5 C . 5.96 16.28 -4.07
C7 6Q5 C . 7.22 15.60 -4.60
C17 6Q5 C . 7.18 14.23 -4.79
C11 6Q5 C . 8.38 13.40 -5.19
C2 6Q5 C . 9.63 14.22 -5.62
C3 6Q5 C . 10.92 13.28 -5.92
C19 6Q5 C . 11.36 12.29 -4.72
C13 6Q5 C . 10.54 12.36 -7.10
C20 6Q5 C . 11.78 11.64 -7.65
C18 6Q5 C . 12.84 12.64 -8.21
O1 6Q5 C . 13.93 11.93 -8.62
C9 6Q5 C . 13.33 13.61 -7.12
C25 6Q5 C . 14.38 12.90 -6.18
C26 6Q5 C . 14.13 14.78 -7.80
C5 6Q5 C . 12.06 14.26 -6.43
C8 6Q5 C . 12.39 15.27 -5.32
C6 6Q5 C . 11.18 16.22 -5.14
O3 6Q5 D . -4.90 -2.87 18.33
C28 6Q5 D . -4.61 -3.48 17.27
O2 6Q5 D . -4.80 -3.03 16.15
C14 6Q5 D . -4.07 -4.96 17.44
C15 6Q5 D . -4.98 -5.61 18.52
C12 6Q5 D . -6.42 -5.75 18.01
C4 6Q5 D . -6.67 -6.37 16.60
C22 6Q5 D . -6.77 -7.92 16.88
C1 6Q5 D . -8.07 -5.85 15.94
C16 6Q5 D . -8.16 -4.26 15.90
C23 6Q5 D . -2.61 -4.78 17.94
C27 6Q5 D . -1.76 -6.08 18.10
C24 6Q5 D . -1.80 -6.98 16.84
C30 6Q5 D . -0.95 -8.27 17.01
C21 6Q5 D . -3.26 -7.26 16.36
C29 6Q5 D . -3.28 -8.18 15.12
C10 6Q5 D . -4.05 -5.87 16.16
C7 6Q5 D . -5.49 -6.05 15.62
C17 6Q5 D . -5.67 -5.86 14.29
C11 6Q5 D . -6.95 -6.06 13.56
C2 6Q5 D . -8.14 -6.46 14.47
C3 6Q5 D . -9.56 -6.41 13.75
C19 6Q5 D . -9.90 -5.01 13.08
C13 6Q5 D . -9.50 -7.49 12.69
C20 6Q5 D . -10.90 -7.77 12.03
C18 6Q5 D . -11.96 -8.26 13.07
O1 6Q5 D . -13.14 -8.64 12.51
C9 6Q5 D . -12.11 -7.28 14.30
C25 6Q5 D . -12.98 -6.02 14.01
C26 6Q5 D . -12.85 -8.07 15.45
C5 6Q5 D . -10.66 -6.95 14.81
C8 6Q5 D . -10.62 -6.17 16.17
C6 6Q5 D . -9.25 -6.36 16.81
#